data_3W00
#
_entry.id   3W00
#
_cell.length_a   54.147
_cell.length_b   56.392
_cell.length_c   77.700
_cell.angle_alpha   90.00
_cell.angle_beta   108.15
_cell.angle_gamma   90.00
#
_symmetry.space_group_name_H-M   'P 1 21 1'
#
loop_
_entity.id
_entity.type
_entity.pdbx_description
1 polymer 'Heptaprenylglyceryl phosphate synthase'
2 non-polymer 'PHOSPHATE ION'
3 non-polymer 'S-[(2E,6E)-3,7,11-TRIMETHYLDODECA-2,6,10-TRIENYL] TRIHYDROGEN THIODIPHOSPHATE'
4 non-polymer SN-GLYCEROL-1-PHOSPHATE
5 water water
#
_entity_poly.entity_id   1
_entity_poly.type   'polypeptide(L)'
_entity_poly.pdbx_seq_one_letter_code
;MYDVTEWKHVFKLDPNKDLPDEQLEILCESGTDAVIIGGSDGVTEDNVLRMMSKVRRFLVPCVLEVSAIEAIVPGFDLYF
IPSVLNSKNADWIVGMHQKAMKEYGELMSMEEIVAEGYCIANPDCKAAALTEADADLNMDDIVAYARVSELLQLPIFYLE
YSGVLGDIEAVKKTKAVLETSTLFYGGGIKDAETAKQYAEHADVIVVGNAVYEDFDRALKTVAAVKGE
;
_entity_poly.pdbx_strand_id   A,B
#
# COMPACT_ATOMS: atom_id res chain seq x y z
N MET A 1 -10.05 -13.52 11.22
CA MET A 1 -9.83 -12.45 12.23
C MET A 1 -11.12 -11.66 12.47
N TYR A 2 -11.08 -10.76 13.45
CA TYR A 2 -12.22 -9.93 13.75
C TYR A 2 -12.46 -9.00 12.58
N ASP A 3 -13.70 -8.58 12.39
CA ASP A 3 -14.03 -7.70 11.27
C ASP A 3 -14.22 -6.29 11.74
N VAL A 4 -13.31 -5.43 11.36
CA VAL A 4 -13.39 -4.05 11.75
C VAL A 4 -14.51 -3.38 10.98
N THR A 5 -14.94 -3.94 9.85
CA THR A 5 -16.02 -3.24 9.15
C THR A 5 -17.29 -3.18 10.03
N GLU A 6 -17.41 -4.15 10.93
CA GLU A 6 -18.56 -4.17 11.82
C GLU A 6 -18.39 -3.25 13.05
N TRP A 7 -17.21 -2.64 13.22
CA TRP A 7 -17.00 -1.76 14.38
C TRP A 7 -17.62 -0.38 14.23
N LYS A 8 -17.77 0.32 15.37
CA LYS A 8 -18.29 1.71 15.42
C LYS A 8 -17.56 2.54 16.46
N HIS A 9 -17.11 1.92 17.55
CA HIS A 9 -16.43 2.68 18.55
C HIS A 9 -15.20 1.96 19.10
N VAL A 10 -14.07 2.66 19.22
CA VAL A 10 -12.89 2.07 19.79
C VAL A 10 -12.23 3.02 20.79
N PHE A 11 -11.69 2.50 21.88
CA PHE A 11 -11.01 3.37 22.84
C PHE A 11 -9.50 3.23 22.59
N LYS A 12 -8.75 4.32 22.56
CA LYS A 12 -7.30 4.20 22.38
C LYS A 12 -6.56 4.58 23.67
N LEU A 13 -5.81 3.62 24.20
CA LEU A 13 -5.10 3.85 25.43
C LEU A 13 -3.66 4.10 25.21
N ASP A 14 -3.07 4.91 26.10
CA ASP A 14 -1.64 5.22 26.09
C ASP A 14 -0.99 4.26 27.14
N PRO A 15 -0.16 3.28 26.68
CA PRO A 15 0.52 2.32 27.58
C PRO A 15 1.39 3.02 28.62
N ASN A 16 1.76 4.25 28.29
CA ASN A 16 2.56 5.06 29.17
C ASN A 16 1.77 5.81 30.26
N LYS A 17 0.58 5.33 30.60
CA LYS A 17 -0.27 5.94 31.61
C LYS A 17 -1.16 4.81 32.04
N ASP A 18 -1.51 4.78 33.32
CA ASP A 18 -2.38 3.73 33.76
C ASP A 18 -3.59 4.33 34.42
N LEU A 19 -4.75 3.70 34.18
CA LEU A 19 -6.01 4.14 34.73
C LEU A 19 -6.17 3.74 36.18
N PRO A 20 -6.70 4.65 36.97
CA PRO A 20 -6.92 4.42 38.40
C PRO A 20 -7.99 3.37 38.70
N ASP A 21 -7.73 2.55 39.72
CA ASP A 21 -8.70 1.55 40.17
C ASP A 21 -9.15 0.43 39.23
N GLU A 22 -10.45 0.47 38.95
CA GLU A 22 -11.16 -0.50 38.13
C GLU A 22 -11.58 0.14 36.82
N GLN A 23 -10.89 1.22 36.46
CA GLN A 23 -11.24 1.91 35.27
C GLN A 23 -10.91 1.16 33.98
N LEU A 24 -9.78 0.47 33.93
CA LEU A 24 -9.42 -0.27 32.74
C LEU A 24 -10.49 -1.33 32.52
N GLU A 25 -11.01 -1.85 33.60
CA GLU A 25 -12.03 -2.87 33.50
C GLU A 25 -13.37 -2.34 33.00
N ILE A 26 -13.82 -1.20 33.50
CA ILE A 26 -15.09 -0.68 33.06
C ILE A 26 -14.99 -0.31 31.58
N LEU A 27 -13.86 0.24 31.21
CA LEU A 27 -13.64 0.61 29.86
C LEU A 27 -13.65 -0.64 28.99
N CYS A 28 -13.02 -1.71 29.45
CA CYS A 28 -13.01 -2.94 28.65
C CYS A 28 -14.36 -3.68 28.56
N GLU A 29 -15.32 -3.34 29.41
CA GLU A 29 -16.59 -4.06 29.34
C GLU A 29 -17.69 -3.07 29.05
N SER A 30 -17.32 -1.98 28.42
CA SER A 30 -18.23 -0.91 28.16
C SER A 30 -19.23 -1.07 27.03
N GLY A 31 -18.81 -1.76 25.98
CA GLY A 31 -19.65 -1.89 24.81
C GLY A 31 -18.79 -1.37 23.67
N THR A 32 -17.53 -1.07 23.97
CA THR A 32 -16.66 -0.62 22.90
C THR A 32 -16.37 -1.84 22.01
N ASP A 33 -16.08 -1.56 20.76
CA ASP A 33 -15.82 -2.60 19.82
C ASP A 33 -14.39 -3.07 19.87
N ALA A 34 -13.50 -2.28 20.48
CA ALA A 34 -12.11 -2.69 20.56
C ALA A 34 -11.31 -1.70 21.39
N VAL A 35 -10.30 -2.21 22.07
CA VAL A 35 -9.41 -1.37 22.86
C VAL A 35 -8.05 -1.44 22.18
N ILE A 36 -7.57 -0.30 21.68
CA ILE A 36 -6.31 -0.18 20.99
C ILE A 36 -5.22 0.33 21.85
N ILE A 37 -4.09 -0.36 21.91
CA ILE A 37 -2.98 0.13 22.69
C ILE A 37 -2.09 0.83 21.70
N GLY A 38 -1.94 2.13 21.85
CA GLY A 38 -1.13 2.88 20.90
C GLY A 38 0.05 3.49 21.59
N GLY A 39 0.07 4.80 21.74
CA GLY A 39 1.19 5.43 22.40
C GLY A 39 1.92 6.45 21.54
N SER A 40 2.45 7.46 22.23
CA SER A 40 3.18 8.57 21.61
C SER A 40 4.69 8.43 21.56
N ASP A 41 5.34 9.59 21.48
CA ASP A 41 6.81 9.75 21.42
C ASP A 41 7.42 8.38 21.21
N GLY A 42 7.90 7.81 22.32
CA GLY A 42 8.50 6.49 22.27
C GLY A 42 7.65 5.64 23.21
N VAL A 43 7.27 4.45 22.76
CA VAL A 43 6.47 3.50 23.55
C VAL A 43 7.54 2.53 24.01
N THR A 44 7.30 1.79 25.09
CA THR A 44 8.31 0.86 25.57
C THR A 44 7.75 -0.54 25.57
N GLU A 45 8.63 -1.52 25.40
CA GLU A 45 8.18 -2.90 25.38
C GLU A 45 7.60 -3.28 26.73
N ASP A 46 8.07 -2.63 27.80
CA ASP A 46 7.54 -2.93 29.14
C ASP A 46 6.12 -2.44 29.40
N ASN A 47 5.77 -1.29 28.84
CA ASN A 47 4.43 -0.75 29.05
C ASN A 47 3.39 -1.51 28.25
N VAL A 48 3.75 -1.83 27.01
CA VAL A 48 2.86 -2.55 26.13
C VAL A 48 2.54 -3.85 26.79
N LEU A 49 3.60 -4.50 27.26
CA LEU A 49 3.50 -5.78 27.94
C LEU A 49 2.52 -5.77 29.10
N ARG A 50 2.70 -4.83 30.01
CA ARG A 50 1.79 -4.72 31.16
C ARG A 50 0.33 -4.55 30.72
N MET A 51 0.11 -3.72 29.70
CA MET A 51 -1.23 -3.48 29.16
C MET A 51 -1.83 -4.75 28.58
N MET A 52 -1.08 -5.34 27.67
CA MET A 52 -1.48 -6.56 26.99
C MET A 52 -1.96 -7.65 27.98
N SER A 53 -1.25 -7.81 29.08
CA SER A 53 -1.64 -8.85 30.01
C SER A 53 -2.95 -8.49 30.69
N LYS A 54 -3.15 -7.20 30.89
CA LYS A 54 -4.35 -6.70 31.53
C LYS A 54 -5.56 -6.83 30.61
N VAL A 55 -5.49 -6.29 29.40
CA VAL A 55 -6.66 -6.34 28.54
C VAL A 55 -6.95 -7.66 27.83
N ARG A 56 -5.94 -8.50 27.67
CA ARG A 56 -6.19 -9.73 26.95
C ARG A 56 -7.22 -10.66 27.57
N ARG A 57 -7.52 -10.47 28.85
CA ARG A 57 -8.47 -11.33 29.53
C ARG A 57 -9.91 -11.06 29.17
N PHE A 58 -10.21 -9.88 28.63
CA PHE A 58 -11.61 -9.57 28.33
C PHE A 58 -11.95 -10.08 26.93
N LEU A 59 -13.23 -10.27 26.66
CA LEU A 59 -13.67 -10.75 25.36
C LEU A 59 -13.43 -9.76 24.22
N VAL A 60 -13.46 -8.46 24.54
CA VAL A 60 -13.27 -7.42 23.53
C VAL A 60 -11.90 -7.52 22.79
N PRO A 61 -11.88 -7.28 21.48
CA PRO A 61 -10.54 -7.39 20.91
C PRO A 61 -9.56 -6.34 21.44
N CYS A 62 -8.31 -6.75 21.59
CA CYS A 62 -7.32 -5.80 22.00
C CYS A 62 -6.42 -5.70 20.78
N VAL A 63 -6.01 -4.48 20.49
CA VAL A 63 -5.20 -4.27 19.33
C VAL A 63 -3.95 -3.53 19.71
N LEU A 64 -2.86 -3.88 19.04
CA LEU A 64 -1.65 -3.14 19.25
C LEU A 64 -1.40 -2.33 18.00
N GLU A 65 -1.36 -1.00 18.16
CA GLU A 65 -1.04 -0.11 17.06
C GLU A 65 0.49 0.04 17.10
N VAL A 66 1.17 -0.67 16.23
CA VAL A 66 2.61 -0.67 16.22
C VAL A 66 3.23 0.60 15.77
N SER A 67 3.67 1.43 16.71
CA SER A 67 4.31 2.69 16.34
C SER A 67 5.80 2.47 16.24
N ALA A 68 6.32 1.54 17.02
CA ALA A 68 7.74 1.27 16.99
C ALA A 68 8.02 -0.24 17.08
N ILE A 69 8.88 -0.74 16.18
CA ILE A 69 9.26 -2.17 16.13
C ILE A 69 9.71 -2.76 17.46
N GLU A 70 10.37 -1.95 18.27
CA GLU A 70 10.83 -2.37 19.57
C GLU A 70 9.68 -2.67 20.54
N ALA A 71 8.47 -2.27 20.18
CA ALA A 71 7.35 -2.52 21.06
C ALA A 71 6.45 -3.61 20.54
N ILE A 72 6.94 -4.35 19.55
CA ILE A 72 6.18 -5.46 19.01
C ILE A 72 6.16 -6.55 20.09
N VAL A 73 5.01 -6.73 20.73
CA VAL A 73 4.81 -7.73 21.76
C VAL A 73 3.75 -8.74 21.27
N PRO A 74 3.95 -10.04 21.56
CA PRO A 74 2.99 -11.07 21.15
C PRO A 74 1.83 -11.00 22.11
N GLY A 75 0.77 -11.72 21.78
CA GLY A 75 -0.37 -11.74 22.68
C GLY A 75 -1.60 -10.91 22.32
N PHE A 76 -1.54 -10.01 21.32
CA PHE A 76 -2.71 -9.21 20.94
C PHE A 76 -3.53 -9.90 19.88
N ASP A 77 -4.82 -9.62 19.86
CA ASP A 77 -5.68 -10.18 18.83
C ASP A 77 -5.25 -9.58 17.49
N LEU A 78 -4.93 -8.31 17.43
CA LEU A 78 -4.58 -7.69 16.16
C LEU A 78 -3.49 -6.66 16.28
N TYR A 79 -2.78 -6.48 15.16
CA TYR A 79 -1.72 -5.50 15.05
C TYR A 79 -2.03 -4.59 13.88
N PHE A 80 -2.14 -3.30 14.17
CA PHE A 80 -2.39 -2.33 13.12
C PHE A 80 -1.03 -1.76 12.78
N ILE A 81 -0.61 -1.92 11.54
CA ILE A 81 0.66 -1.36 11.15
C ILE A 81 0.32 -0.12 10.37
N PRO A 82 0.67 1.05 10.86
CA PRO A 82 0.27 2.13 9.97
C PRO A 82 1.30 2.67 8.96
N SER A 83 0.80 3.13 7.82
CA SER A 83 1.63 3.78 6.80
C SER A 83 1.15 5.25 6.90
N VAL A 84 2.06 6.21 7.10
CA VAL A 84 1.65 7.59 7.17
C VAL A 84 1.77 8.10 5.75
N LEU A 85 0.64 8.06 5.05
CA LEU A 85 0.56 8.41 3.65
C LEU A 85 1.09 9.78 3.32
N ASN A 86 0.99 10.70 4.25
CA ASN A 86 1.44 12.04 3.98
C ASN A 86 2.83 12.37 4.57
N SER A 87 3.55 11.36 5.05
CA SER A 87 4.88 11.54 5.57
C SER A 87 5.90 11.87 4.45
N LYS A 88 6.96 12.63 4.76
CA LYS A 88 8.01 12.96 3.78
C LYS A 88 9.17 11.95 3.96
N ASN A 89 9.09 11.14 4.98
CA ASN A 89 10.10 10.17 5.25
C ASN A 89 9.58 8.78 4.85
N ALA A 90 10.24 8.17 3.86
CA ALA A 90 9.85 6.86 3.40
C ALA A 90 9.81 5.82 4.51
N ASP A 91 10.58 6.05 5.59
CA ASP A 91 10.58 5.14 6.75
C ASP A 91 9.17 4.88 7.27
N TRP A 92 8.42 5.98 7.38
CA TRP A 92 7.05 6.01 7.87
C TRP A 92 6.03 5.54 6.88
N ILE A 93 6.44 5.31 5.66
CA ILE A 93 5.47 4.81 4.73
C ILE A 93 5.61 3.29 4.57
N VAL A 94 6.80 2.83 4.20
CA VAL A 94 7.06 1.39 4.02
C VAL A 94 8.33 0.93 4.73
N GLY A 95 9.33 1.80 4.83
CA GLY A 95 10.57 1.46 5.51
C GLY A 95 10.49 0.69 6.84
N MET A 96 9.51 0.99 7.69
CA MET A 96 9.39 0.27 8.97
C MET A 96 8.93 -1.14 8.69
N HIS A 97 7.77 -1.23 8.07
CA HIS A 97 7.12 -2.49 7.71
C HIS A 97 8.12 -3.51 7.09
N GLN A 98 9.10 -3.03 6.36
CA GLN A 98 10.07 -3.92 5.74
C GLN A 98 11.09 -4.34 6.78
N LYS A 99 11.34 -3.47 7.75
CA LYS A 99 12.29 -3.75 8.82
C LYS A 99 11.75 -4.87 9.71
N ALA A 100 10.47 -4.75 10.00
CA ALA A 100 9.79 -5.72 10.81
C ALA A 100 9.67 -7.01 10.05
N MET A 101 9.54 -6.96 8.74
CA MET A 101 9.42 -8.20 7.98
C MET A 101 10.80 -8.84 7.85
N LYS A 102 11.83 -8.02 8.00
CA LYS A 102 13.16 -8.54 7.91
C LYS A 102 13.70 -9.03 9.27
N GLU A 103 13.22 -8.46 10.35
CA GLU A 103 13.70 -8.88 11.65
C GLU A 103 12.65 -9.74 12.36
N TYR A 104 11.39 -9.56 12.02
CA TYR A 104 10.42 -10.38 12.71
C TYR A 104 9.46 -11.12 11.83
N GLY A 105 9.96 -11.63 10.72
CA GLY A 105 9.09 -12.34 9.81
C GLY A 105 8.21 -13.48 10.33
N GLU A 106 8.79 -14.37 11.15
CA GLU A 106 8.04 -15.51 11.65
C GLU A 106 6.95 -15.06 12.58
N LEU A 107 7.26 -14.07 13.39
CA LEU A 107 6.26 -13.52 14.30
C LEU A 107 5.08 -12.92 13.48
N MET A 108 5.37 -12.26 12.37
CA MET A 108 4.36 -11.69 11.50
C MET A 108 3.32 -12.71 11.02
N SER A 109 3.78 -13.78 10.39
CA SER A 109 2.92 -14.84 9.90
C SER A 109 2.02 -15.46 10.94
N MET A 110 2.41 -15.39 12.20
CA MET A 110 1.61 -16.03 13.23
C MET A 110 0.62 -15.08 13.94
N GLU A 111 0.51 -13.86 13.43
CA GLU A 111 -0.33 -12.85 14.04
C GLU A 111 -1.24 -12.32 13.01
N GLU A 112 -2.39 -11.82 13.43
CA GLU A 112 -3.28 -11.19 12.46
C GLU A 112 -2.92 -9.67 12.39
N ILE A 113 -2.40 -9.27 11.24
CA ILE A 113 -1.94 -7.93 10.95
C ILE A 113 -2.91 -7.22 9.98
N VAL A 114 -3.02 -5.92 10.12
CA VAL A 114 -3.90 -5.09 9.29
C VAL A 114 -3.12 -3.81 8.98
N ALA A 115 -3.07 -3.41 7.73
CA ALA A 115 -2.36 -2.19 7.42
C ALA A 115 -3.34 -1.05 7.56
N GLU A 116 -2.92 0.09 8.07
CA GLU A 116 -3.86 1.17 8.15
C GLU A 116 -3.28 2.39 7.52
N GLY A 117 -4.08 2.98 6.63
CA GLY A 117 -3.70 4.20 5.95
C GLY A 117 -3.91 5.40 6.86
N TYR A 118 -2.81 5.89 7.42
CA TYR A 118 -2.86 7.03 8.29
C TYR A 118 -2.70 8.31 7.51
N CYS A 119 -3.43 9.33 7.93
CA CYS A 119 -3.36 10.62 7.32
C CYS A 119 -3.39 11.62 8.48
N ILE A 120 -2.23 12.19 8.77
CA ILE A 120 -2.14 13.13 9.88
C ILE A 120 -2.58 14.49 9.38
N ALA A 121 -3.78 14.91 9.77
CA ALA A 121 -4.33 16.16 9.27
C ALA A 121 -4.17 17.39 10.17
N ASN A 122 -3.44 17.22 11.27
CA ASN A 122 -3.20 18.32 12.18
C ASN A 122 -1.70 18.62 12.16
N PRO A 123 -1.32 19.73 11.47
CA PRO A 123 0.07 20.17 11.33
C PRO A 123 0.73 20.66 12.58
N ASP A 124 -0.03 20.68 13.69
CA ASP A 124 0.48 21.09 15.00
C ASP A 124 0.37 20.02 16.11
N CYS A 125 1.06 18.91 15.93
CA CYS A 125 1.07 17.87 16.95
C CYS A 125 2.31 16.99 16.85
N LYS A 126 2.62 16.34 17.98
CA LYS A 126 3.74 15.41 18.16
C LYS A 126 3.83 14.51 16.92
N ALA A 127 2.73 13.79 16.67
CA ALA A 127 2.63 12.86 15.59
C ALA A 127 3.13 13.42 14.25
N ALA A 128 2.71 14.63 13.91
CA ALA A 128 3.16 15.24 12.65
C ALA A 128 4.65 15.61 12.65
N ALA A 129 5.18 16.06 13.78
CA ALA A 129 6.60 16.41 13.82
C ALA A 129 7.42 15.13 13.69
N LEU A 130 6.91 14.12 14.39
CA LEU A 130 7.48 12.80 14.48
C LEU A 130 7.59 12.03 13.18
N THR A 131 6.62 12.19 12.30
CA THR A 131 6.60 11.47 11.03
C THR A 131 6.93 12.30 9.80
N GLU A 132 7.21 13.59 10.01
CA GLU A 132 7.49 14.50 8.90
C GLU A 132 6.27 14.60 7.97
N ALA A 133 5.08 14.61 8.56
CA ALA A 133 3.88 14.68 7.74
C ALA A 133 3.63 16.04 7.11
N ASP A 134 3.23 16.00 5.84
CA ASP A 134 2.86 17.21 5.11
C ASP A 134 1.44 17.32 5.71
N ALA A 135 1.40 17.81 6.93
CA ALA A 135 0.17 17.89 7.70
C ALA A 135 -0.80 19.04 7.42
N ASP A 136 -0.36 20.04 6.64
CA ASP A 136 -1.21 21.18 6.28
C ASP A 136 -1.98 20.85 5.01
N LEU A 137 -3.25 20.50 5.17
CA LEU A 137 -4.05 20.03 4.06
C LEU A 137 -5.50 20.52 3.94
N ASN A 138 -5.95 20.72 2.69
CA ASN A 138 -7.33 21.14 2.44
C ASN A 138 -8.09 19.90 2.17
N MET A 139 -9.41 19.93 2.29
CA MET A 139 -10.21 18.73 2.04
C MET A 139 -9.70 17.98 0.80
N ASP A 140 -9.40 18.72 -0.25
CA ASP A 140 -8.90 18.14 -1.52
C ASP A 140 -7.70 17.21 -1.31
N ASP A 141 -6.69 17.68 -0.56
CA ASP A 141 -5.52 16.88 -0.24
C ASP A 141 -6.01 15.64 0.48
N ILE A 142 -6.76 15.86 1.55
CA ILE A 142 -7.22 14.72 2.31
C ILE A 142 -8.03 13.72 1.49
N VAL A 143 -8.92 14.22 0.63
CA VAL A 143 -9.72 13.32 -0.16
C VAL A 143 -8.78 12.50 -1.05
N ALA A 144 -7.80 13.15 -1.66
CA ALA A 144 -6.84 12.44 -2.55
C ALA A 144 -6.01 11.36 -1.78
N TYR A 145 -5.64 11.63 -0.53
CA TYR A 145 -4.89 10.66 0.24
C TYR A 145 -5.74 9.43 0.50
N ALA A 146 -7.04 9.60 0.63
CA ALA A 146 -7.91 8.47 0.86
C ALA A 146 -8.03 7.58 -0.40
N ARG A 147 -7.99 8.17 -1.58
CA ARG A 147 -8.08 7.41 -2.81
C ARG A 147 -6.79 6.66 -3.05
N VAL A 148 -5.67 7.19 -2.57
CA VAL A 148 -4.44 6.48 -2.72
C VAL A 148 -4.60 5.28 -1.77
N SER A 149 -5.13 5.53 -0.59
CA SER A 149 -5.27 4.48 0.38
C SER A 149 -5.98 3.30 -0.21
N GLU A 150 -7.04 3.59 -0.98
CA GLU A 150 -7.81 2.53 -1.63
C GLU A 150 -7.08 1.87 -2.83
N LEU A 151 -6.37 2.64 -3.63
CA LEU A 151 -5.64 2.08 -4.75
C LEU A 151 -4.68 1.08 -4.10
N LEU A 152 -4.04 1.51 -3.02
CA LEU A 152 -3.09 0.67 -2.29
C LEU A 152 -3.70 -0.49 -1.50
N GLN A 153 -5.02 -0.68 -1.60
CA GLN A 153 -5.71 -1.80 -0.94
C GLN A 153 -5.89 -1.80 0.62
N LEU A 154 -5.36 -0.78 1.30
CA LEU A 154 -5.50 -0.67 2.75
C LEU A 154 -6.93 -0.76 3.26
N PRO A 155 -7.15 -1.64 4.23
CA PRO A 155 -8.46 -1.86 4.86
C PRO A 155 -8.96 -0.76 5.77
N ILE A 156 -8.06 0.10 6.18
CA ILE A 156 -8.43 1.17 7.06
C ILE A 156 -7.78 2.46 6.60
N PHE A 157 -8.46 3.58 6.78
CA PHE A 157 -7.87 4.87 6.46
C PHE A 157 -8.19 5.61 7.73
N TYR A 158 -7.14 5.99 8.44
CA TYR A 158 -7.23 6.67 9.70
C TYR A 158 -6.92 8.16 9.46
N LEU A 159 -7.92 8.98 9.74
CA LEU A 159 -7.84 10.40 9.58
C LEU A 159 -7.55 10.89 11.00
N GLU A 160 -6.36 11.41 11.23
CA GLU A 160 -6.04 11.79 12.59
C GLU A 160 -5.80 13.25 12.86
N TYR A 161 -6.44 13.76 13.90
CA TYR A 161 -6.30 15.12 14.33
C TYR A 161 -5.72 15.32 15.74
N SER A 162 -5.48 14.23 16.47
CA SER A 162 -4.95 14.32 17.85
C SER A 162 -5.74 15.13 18.87
N GLY A 163 -5.04 16.11 19.44
CA GLY A 163 -5.60 16.96 20.48
C GLY A 163 -6.70 17.88 20.05
N VAL A 164 -7.04 17.83 18.77
CA VAL A 164 -8.10 18.69 18.30
C VAL A 164 -9.15 18.03 17.42
N LEU A 165 -10.37 18.57 17.48
CA LEU A 165 -11.49 18.11 16.69
C LEU A 165 -11.17 18.45 15.25
N GLY A 166 -11.51 17.57 14.32
CA GLY A 166 -11.24 17.83 12.90
C GLY A 166 -12.45 18.41 12.12
N ASP A 167 -12.19 18.92 10.93
CA ASP A 167 -13.22 19.49 10.07
C ASP A 167 -14.31 18.47 9.83
N ILE A 168 -15.52 18.70 10.33
CA ILE A 168 -16.58 17.71 10.13
C ILE A 168 -16.81 17.45 8.65
N GLU A 169 -16.45 18.43 7.83
CA GLU A 169 -16.63 18.37 6.37
C GLU A 169 -15.51 17.57 5.63
N ALA A 170 -14.34 17.41 6.25
CA ALA A 170 -13.31 16.59 5.60
C ALA A 170 -13.71 15.14 5.86
N VAL A 171 -14.37 14.89 6.98
CA VAL A 171 -14.77 13.54 7.33
C VAL A 171 -15.86 13.03 6.41
N LYS A 172 -16.89 13.85 6.16
CA LYS A 172 -17.99 13.43 5.26
C LYS A 172 -17.54 13.24 3.81
N LYS A 173 -16.59 14.05 3.36
CA LYS A 173 -16.12 13.93 2.00
C LYS A 173 -15.20 12.76 1.79
N THR A 174 -14.42 12.41 2.82
CA THR A 174 -13.54 11.28 2.67
C THR A 174 -14.44 10.03 2.84
N LYS A 175 -15.39 10.08 3.75
CA LYS A 175 -16.26 8.94 3.90
C LYS A 175 -16.87 8.72 2.51
N ALA A 176 -17.26 9.81 1.88
CA ALA A 176 -17.86 9.75 0.54
C ALA A 176 -17.10 8.92 -0.49
N VAL A 177 -15.83 9.24 -0.72
CA VAL A 177 -15.02 8.54 -1.73
C VAL A 177 -14.62 7.13 -1.38
N LEU A 178 -14.65 6.79 -0.09
CA LEU A 178 -14.27 5.45 0.32
C LEU A 178 -15.33 4.43 -0.07
N GLU A 179 -14.98 3.60 -1.03
CA GLU A 179 -15.89 2.60 -1.51
C GLU A 179 -15.71 1.28 -0.77
N THR A 180 -14.46 0.91 -0.48
CA THR A 180 -14.18 -0.38 0.17
C THR A 180 -13.14 -0.45 1.32
N SER A 181 -13.19 0.49 2.23
CA SER A 181 -12.25 0.48 3.34
C SER A 181 -12.94 1.25 4.47
N THR A 182 -12.50 1.00 5.69
CA THR A 182 -13.11 1.65 6.81
C THR A 182 -12.46 2.92 7.30
N LEU A 183 -13.33 3.90 7.49
CA LEU A 183 -12.95 5.21 7.95
C LEU A 183 -12.85 5.37 9.48
N PHE A 184 -11.62 5.50 9.97
CA PHE A 184 -11.45 5.72 11.41
C PHE A 184 -11.23 7.19 11.55
N TYR A 185 -11.97 7.81 12.45
CA TYR A 185 -11.76 9.22 12.67
C TYR A 185 -11.20 9.33 14.08
N GLY A 186 -10.07 10.00 14.29
CA GLY A 186 -9.56 10.16 15.64
C GLY A 186 -9.35 11.64 15.95
N GLY A 187 -9.70 12.13 17.13
CA GLY A 187 -9.42 13.54 17.38
C GLY A 187 -10.36 14.47 18.14
N GLY A 188 -9.94 14.82 19.34
CA GLY A 188 -10.72 15.72 20.16
C GLY A 188 -12.05 15.26 20.70
N ILE A 189 -12.43 14.02 20.47
CA ILE A 189 -13.70 13.56 20.99
C ILE A 189 -13.62 13.29 22.50
N LYS A 190 -14.35 14.05 23.28
CA LYS A 190 -14.29 13.80 24.70
C LYS A 190 -15.68 13.70 25.31
N ASP A 191 -16.72 13.69 24.49
CA ASP A 191 -18.07 13.58 25.06
C ASP A 191 -19.06 12.99 24.10
N ALA A 192 -20.23 12.66 24.64
CA ALA A 192 -21.34 12.07 23.90
C ALA A 192 -21.77 12.76 22.62
N GLU A 193 -22.06 14.06 22.73
CA GLU A 193 -22.55 14.85 21.61
C GLU A 193 -21.53 15.01 20.44
N THR A 194 -20.28 15.32 20.78
CA THR A 194 -19.21 15.44 19.79
C THR A 194 -19.00 14.05 19.20
N ALA A 195 -19.13 13.06 20.05
CA ALA A 195 -18.97 11.70 19.60
C ALA A 195 -20.09 11.44 18.64
N LYS A 196 -21.31 11.81 19.01
CA LYS A 196 -22.48 11.58 18.18
C LYS A 196 -22.35 12.23 16.82
N GLN A 197 -21.87 13.46 16.83
CA GLN A 197 -21.66 14.19 15.59
C GLN A 197 -20.64 13.56 14.55
N TYR A 198 -19.51 12.98 14.98
CA TYR A 198 -18.58 12.39 14.02
C TYR A 198 -18.95 10.96 13.59
N ALA A 199 -19.73 10.27 14.42
CA ALA A 199 -20.15 8.93 14.10
C ALA A 199 -21.13 8.93 12.93
N GLU A 200 -21.59 10.13 12.55
CA GLU A 200 -22.53 10.30 11.43
C GLU A 200 -21.87 10.02 10.10
N HIS A 201 -20.56 10.23 10.04
CA HIS A 201 -19.80 10.05 8.81
C HIS A 201 -18.67 9.06 8.91
N ALA A 202 -17.96 9.08 10.05
CA ALA A 202 -16.86 8.16 10.21
C ALA A 202 -17.46 6.82 10.45
N ASP A 203 -16.81 5.78 9.96
CA ASP A 203 -17.26 4.43 10.23
C ASP A 203 -16.98 4.11 11.68
N VAL A 204 -15.80 4.50 12.16
CA VAL A 204 -15.41 4.24 13.53
C VAL A 204 -14.89 5.49 14.21
N ILE A 205 -15.36 5.80 15.42
CA ILE A 205 -14.76 6.94 16.10
C ILE A 205 -13.82 6.39 17.15
N VAL A 206 -12.66 6.97 17.28
CA VAL A 206 -11.67 6.53 18.25
C VAL A 206 -11.73 7.51 19.42
N VAL A 207 -11.76 7.03 20.64
CA VAL A 207 -11.74 7.95 21.79
C VAL A 207 -10.44 7.60 22.53
N GLY A 208 -9.56 8.59 22.63
CA GLY A 208 -8.25 8.40 23.22
C GLY A 208 -8.00 9.12 24.49
N ASN A 209 -7.27 10.23 24.45
CA ASN A 209 -6.95 10.92 25.69
C ASN A 209 -8.03 11.41 26.64
N ALA A 210 -9.27 11.45 26.15
CA ALA A 210 -10.35 11.88 27.00
C ALA A 210 -10.57 10.94 28.16
N VAL A 211 -10.11 9.69 28.10
CA VAL A 211 -10.38 8.80 29.25
C VAL A 211 -9.43 9.09 30.45
N TYR A 212 -8.37 9.86 30.19
CA TYR A 212 -7.45 10.24 31.25
C TYR A 212 -7.89 11.55 31.85
N GLU A 213 -8.34 12.49 31.03
CA GLU A 213 -8.81 13.76 31.54
C GLU A 213 -10.18 13.72 32.24
N ASP A 214 -11.09 12.87 31.79
CA ASP A 214 -12.44 12.77 32.37
C ASP A 214 -13.03 11.44 32.04
N PHE A 215 -12.69 10.45 32.84
CA PHE A 215 -13.17 9.12 32.58
C PHE A 215 -14.69 9.04 32.33
N ASP A 216 -15.48 9.33 33.36
CA ASP A 216 -16.93 9.25 33.33
C ASP A 216 -17.66 9.84 32.15
N ARG A 217 -17.02 10.82 31.53
CA ARG A 217 -17.56 11.50 30.36
C ARG A 217 -17.13 10.83 29.05
N ALA A 218 -15.93 10.24 29.04
CA ALA A 218 -15.41 9.59 27.86
C ALA A 218 -16.19 8.32 27.69
N LEU A 219 -16.61 7.75 28.82
CA LEU A 219 -17.35 6.51 28.83
C LEU A 219 -18.71 6.57 28.14
N LYS A 220 -19.39 7.73 28.25
CA LYS A 220 -20.69 7.96 27.62
C LYS A 220 -20.63 7.97 26.09
N THR A 221 -19.45 8.14 25.51
CA THR A 221 -19.32 8.14 24.05
C THR A 221 -19.74 6.82 23.40
N VAL A 222 -19.67 5.73 24.15
CA VAL A 222 -20.04 4.42 23.58
C VAL A 222 -21.54 4.36 23.30
N ALA A 223 -22.33 4.71 24.31
CA ALA A 223 -23.80 4.73 24.21
C ALA A 223 -24.21 5.76 23.15
N ALA A 224 -23.48 6.86 23.11
CA ALA A 224 -23.73 7.93 22.18
C ALA A 224 -23.40 7.56 20.77
N VAL A 225 -22.95 6.34 20.53
CA VAL A 225 -22.61 5.92 19.17
C VAL A 225 -23.30 4.61 18.79
N LYS A 226 -23.94 3.98 19.78
CA LYS A 226 -24.67 2.74 19.59
C LYS A 226 -26.05 2.81 20.28
N TYR B 2 -10.61 -9.29 -17.09
CA TYR B 2 -9.12 -9.47 -17.06
C TYR B 2 -8.71 -10.07 -15.73
N ASP B 3 -7.65 -10.86 -15.73
CA ASP B 3 -7.18 -11.50 -14.51
C ASP B 3 -5.71 -11.91 -14.63
N VAL B 4 -4.85 -11.09 -14.05
CA VAL B 4 -3.42 -11.34 -14.15
C VAL B 4 -2.96 -12.67 -13.53
N THR B 5 -3.77 -13.23 -12.63
CA THR B 5 -3.43 -14.49 -11.97
C THR B 5 -3.50 -15.65 -12.98
N GLU B 6 -3.86 -15.34 -14.21
CA GLU B 6 -3.86 -16.34 -15.24
C GLU B 6 -2.88 -15.97 -16.35
N TRP B 7 -2.01 -14.99 -16.14
CA TRP B 7 -1.08 -14.65 -17.21
C TRP B 7 0.18 -15.43 -17.04
N LYS B 8 0.96 -15.55 -18.10
CA LYS B 8 2.21 -16.25 -18.01
C LYS B 8 3.26 -15.37 -18.62
N HIS B 9 2.93 -14.71 -19.72
CA HIS B 9 3.90 -13.87 -20.39
C HIS B 9 3.42 -12.45 -20.78
N VAL B 10 4.30 -11.45 -20.74
CA VAL B 10 3.90 -10.12 -21.21
C VAL B 10 5.04 -9.40 -21.86
N PHE B 11 4.69 -8.53 -22.80
CA PHE B 11 5.69 -7.74 -23.48
C PHE B 11 5.56 -6.31 -22.93
N LYS B 12 6.69 -5.67 -22.65
CA LYS B 12 6.68 -4.29 -22.17
C LYS B 12 7.35 -3.47 -23.21
N LEU B 13 6.58 -2.61 -23.86
CA LEU B 13 7.13 -1.77 -24.90
C LEU B 13 7.40 -0.37 -24.34
N ASP B 14 8.28 0.37 -25.01
CA ASP B 14 8.58 1.71 -24.55
C ASP B 14 8.10 2.74 -25.58
N PRO B 15 7.13 3.59 -25.20
CA PRO B 15 6.63 4.58 -26.16
C PRO B 15 7.76 5.51 -26.60
N ASN B 16 8.84 5.52 -25.84
CA ASN B 16 10.04 6.32 -26.16
C ASN B 16 10.84 5.86 -27.39
N LYS B 17 10.74 4.60 -27.78
CA LYS B 17 11.48 4.11 -28.95
C LYS B 17 10.55 3.78 -30.08
N ASP B 18 11.08 3.65 -31.28
CA ASP B 18 10.26 3.32 -32.45
C ASP B 18 10.36 1.83 -32.83
N LEU B 19 9.21 1.22 -33.08
CA LEU B 19 9.14 -0.17 -33.48
C LEU B 19 8.39 -0.29 -34.80
N PRO B 20 9.00 -0.97 -35.80
CA PRO B 20 8.30 -1.11 -37.08
C PRO B 20 6.90 -1.68 -36.82
N ASP B 21 5.87 -1.02 -37.34
CA ASP B 21 4.52 -1.51 -37.10
C ASP B 21 4.31 -2.96 -37.43
N GLU B 22 5.07 -3.49 -38.39
CA GLU B 22 4.97 -4.90 -38.71
C GLU B 22 5.32 -5.70 -37.46
N GLN B 23 6.31 -5.24 -36.71
CA GLN B 23 6.71 -5.93 -35.47
C GLN B 23 5.72 -5.71 -34.34
N LEU B 24 5.17 -4.50 -34.25
CA LEU B 24 4.19 -4.19 -33.21
C LEU B 24 3.01 -5.12 -33.39
N GLU B 25 2.61 -5.29 -34.64
CA GLU B 25 1.49 -6.17 -35.01
C GLU B 25 1.76 -7.64 -34.62
N ILE B 26 2.96 -8.13 -34.94
CA ILE B 26 3.39 -9.48 -34.64
C ILE B 26 3.39 -9.77 -33.14
N LEU B 27 3.83 -8.81 -32.33
CA LEU B 27 3.85 -9.01 -30.89
C LEU B 27 2.43 -9.12 -30.34
N CYS B 28 1.57 -8.19 -30.74
CA CYS B 28 0.20 -8.19 -30.24
C CYS B 28 -0.52 -9.51 -30.54
N GLU B 29 -0.15 -10.14 -31.65
CA GLU B 29 -0.76 -11.42 -32.05
C GLU B 29 0.10 -12.67 -31.81
N SER B 30 1.06 -12.59 -30.91
CA SER B 30 1.96 -13.70 -30.61
C SER B 30 1.47 -14.74 -29.61
N GLY B 31 0.50 -14.38 -28.76
CA GLY B 31 0.02 -15.33 -27.79
C GLY B 31 0.38 -14.83 -26.42
N THR B 32 1.09 -13.72 -26.37
CA THR B 32 1.46 -13.09 -25.10
C THR B 32 0.11 -12.82 -24.41
N ASP B 33 0.12 -12.67 -23.09
CA ASP B 33 -1.09 -12.39 -22.37
C ASP B 33 -1.48 -10.91 -22.30
N ALA B 34 -0.53 -10.02 -22.53
CA ALA B 34 -0.78 -8.58 -22.54
C ALA B 34 0.35 -7.84 -23.15
N VAL B 35 0.04 -6.65 -23.61
CA VAL B 35 1.07 -5.78 -24.14
C VAL B 35 0.95 -4.58 -23.21
N ILE B 36 2.03 -4.32 -22.48
CA ILE B 36 2.12 -3.24 -21.53
C ILE B 36 2.93 -2.10 -22.09
N ILE B 37 2.35 -0.91 -22.08
CA ILE B 37 3.04 0.24 -22.59
C ILE B 37 3.71 0.89 -21.42
N GLY B 38 5.02 0.78 -21.41
CA GLY B 38 5.77 1.31 -20.30
C GLY B 38 6.19 2.76 -20.34
N GLY B 39 7.51 2.97 -20.27
CA GLY B 39 8.07 4.30 -20.29
C GLY B 39 8.61 4.64 -18.92
N SER B 40 9.88 4.33 -18.69
CA SER B 40 10.52 4.61 -17.41
C SER B 40 10.50 6.12 -17.20
N ASP B 41 10.93 6.88 -18.20
CA ASP B 41 10.96 8.30 -17.97
C ASP B 41 11.24 9.09 -19.19
N GLY B 42 10.69 10.29 -19.18
CA GLY B 42 10.86 11.16 -20.32
C GLY B 42 9.82 10.76 -21.34
N VAL B 43 8.80 10.04 -20.90
CA VAL B 43 7.74 9.59 -21.78
C VAL B 43 6.84 10.76 -22.16
N THR B 44 6.39 10.81 -23.40
CA THR B 44 5.49 11.89 -23.81
C THR B 44 4.09 11.34 -24.03
N GLU B 45 3.09 12.16 -23.71
CA GLU B 45 1.68 11.85 -23.85
C GLU B 45 1.35 11.44 -25.30
N ASP B 46 1.90 12.14 -26.27
CA ASP B 46 1.61 11.84 -27.66
C ASP B 46 2.14 10.49 -28.17
N ASN B 47 3.16 9.94 -27.52
CA ASN B 47 3.71 8.67 -27.96
C ASN B 47 2.88 7.57 -27.37
N VAL B 48 2.39 7.80 -26.17
CA VAL B 48 1.52 6.83 -25.50
C VAL B 48 0.19 6.72 -26.28
N LEU B 49 -0.36 7.87 -26.68
CA LEU B 49 -1.62 7.97 -27.39
C LEU B 49 -1.56 7.29 -28.73
N ARG B 50 -0.41 7.46 -29.38
CA ARG B 50 -0.23 6.90 -30.69
C ARG B 50 -0.10 5.39 -30.61
N MET B 51 0.54 4.91 -29.54
CA MET B 51 0.73 3.47 -29.32
C MET B 51 -0.56 2.81 -28.96
N MET B 52 -1.30 3.44 -28.08
CA MET B 52 -2.61 2.98 -27.64
C MET B 52 -3.53 2.76 -28.86
N SER B 53 -3.58 3.72 -29.76
CA SER B 53 -4.42 3.55 -30.93
C SER B 53 -3.88 2.46 -31.83
N LYS B 54 -2.56 2.26 -31.88
CA LYS B 54 -1.99 1.20 -32.71
C LYS B 54 -2.31 -0.19 -32.19
N VAL B 55 -2.31 -0.38 -30.88
CA VAL B 55 -2.63 -1.71 -30.33
C VAL B 55 -4.10 -1.99 -29.97
N ARG B 56 -4.97 -0.98 -29.90
CA ARG B 56 -6.38 -1.20 -29.52
C ARG B 56 -7.14 -2.16 -30.42
N ARG B 57 -6.80 -2.23 -31.69
CA ARG B 57 -7.52 -3.13 -32.59
C ARG B 57 -7.41 -4.61 -32.27
N PHE B 58 -6.23 -5.06 -31.83
CA PHE B 58 -5.98 -6.45 -31.53
C PHE B 58 -6.67 -6.79 -30.22
N LEU B 59 -7.06 -8.06 -30.08
CA LEU B 59 -7.79 -8.58 -28.94
C LEU B 59 -7.12 -8.67 -27.57
N VAL B 60 -5.79 -8.78 -27.59
CA VAL B 60 -4.94 -8.88 -26.40
C VAL B 60 -5.16 -7.67 -25.49
N PRO B 61 -5.14 -7.88 -24.19
CA PRO B 61 -5.36 -6.68 -23.35
C PRO B 61 -4.16 -5.74 -23.37
N CYS B 62 -4.42 -4.45 -23.64
CA CYS B 62 -3.39 -3.41 -23.68
C CYS B 62 -3.34 -2.70 -22.30
N VAL B 63 -2.15 -2.59 -21.75
CA VAL B 63 -1.98 -2.02 -20.44
C VAL B 63 -1.11 -0.82 -20.49
N LEU B 64 -1.46 0.16 -19.65
CA LEU B 64 -0.69 1.36 -19.52
C LEU B 64 0.04 1.29 -18.22
N GLU B 65 1.33 1.48 -18.24
CA GLU B 65 2.03 1.51 -16.99
C GLU B 65 2.23 3.01 -16.76
N VAL B 66 1.60 3.55 -15.73
CA VAL B 66 1.74 4.96 -15.48
C VAL B 66 3.11 5.24 -14.82
N SER B 67 3.78 6.31 -15.22
CA SER B 67 5.10 6.66 -14.67
C SER B 67 5.22 8.18 -14.61
N ALA B 68 4.17 8.86 -15.07
CA ALA B 68 4.12 10.30 -15.11
C ALA B 68 2.67 10.70 -15.33
N ILE B 69 2.18 11.59 -14.49
CA ILE B 69 0.81 12.08 -14.57
C ILE B 69 0.48 12.54 -15.99
N GLU B 70 1.36 13.33 -16.58
CA GLU B 70 1.20 13.86 -17.93
C GLU B 70 1.02 12.75 -19.00
N ALA B 71 1.42 11.54 -18.67
CA ALA B 71 1.35 10.48 -19.66
C ALA B 71 0.09 9.66 -19.55
N ILE B 72 -0.79 10.03 -18.63
CA ILE B 72 -2.05 9.31 -18.50
C ILE B 72 -2.86 9.58 -19.75
N VAL B 73 -3.42 8.52 -20.31
CA VAL B 73 -4.18 8.59 -21.56
C VAL B 73 -5.32 7.59 -21.48
N PRO B 74 -6.54 8.01 -21.85
CA PRO B 74 -7.66 7.07 -21.78
C PRO B 74 -7.66 6.08 -22.94
N GLY B 75 -8.45 5.03 -22.83
CA GLY B 75 -8.50 4.07 -23.90
C GLY B 75 -7.80 2.72 -23.66
N PHE B 76 -7.09 2.59 -22.55
CA PHE B 76 -6.41 1.32 -22.32
C PHE B 76 -7.33 0.36 -21.61
N ASP B 77 -7.14 -0.92 -21.85
CA ASP B 77 -7.93 -1.91 -21.15
C ASP B 77 -7.59 -1.82 -19.68
N LEU B 78 -6.30 -1.77 -19.35
CA LEU B 78 -5.88 -1.72 -17.94
C LEU B 78 -4.88 -0.67 -17.56
N TYR B 79 -4.91 -0.30 -16.30
CA TYR B 79 -3.96 0.66 -15.84
C TYR B 79 -3.21 0.18 -14.63
N PHE B 80 -1.88 0.09 -14.77
CA PHE B 80 -0.99 -0.33 -13.69
C PHE B 80 -0.35 0.90 -13.10
N ILE B 81 -0.41 1.00 -11.78
CA ILE B 81 0.19 2.10 -11.06
C ILE B 81 1.35 1.56 -10.24
N PRO B 82 2.59 1.81 -10.67
CA PRO B 82 3.78 1.34 -9.96
C PRO B 82 3.91 2.04 -8.63
N SER B 83 4.42 1.31 -7.66
CA SER B 83 4.67 1.82 -6.34
C SER B 83 6.06 1.20 -6.04
N VAL B 84 7.12 1.99 -6.11
CA VAL B 84 8.47 1.52 -5.86
C VAL B 84 8.60 1.37 -4.38
N LEU B 85 8.66 0.14 -3.89
CA LEU B 85 8.71 -0.08 -2.43
C LEU B 85 10.02 0.18 -1.75
N ASN B 86 11.11 0.03 -2.50
CA ASN B 86 12.40 0.30 -1.93
C ASN B 86 12.96 1.71 -2.24
N SER B 87 12.09 2.65 -2.66
CA SER B 87 12.56 4.03 -2.90
C SER B 87 12.85 4.81 -1.63
N LYS B 88 13.95 5.57 -1.66
CA LYS B 88 14.30 6.36 -0.49
C LYS B 88 13.47 7.63 -0.50
N ASN B 89 12.78 7.89 -1.61
CA ASN B 89 11.93 9.06 -1.73
C ASN B 89 10.41 8.77 -1.67
N ALA B 90 9.69 9.48 -0.81
CA ALA B 90 8.24 9.31 -0.69
C ALA B 90 7.44 9.56 -2.00
N ASP B 91 7.91 10.46 -2.87
CA ASP B 91 7.22 10.72 -4.12
C ASP B 91 7.00 9.49 -5.01
N TRP B 92 7.89 8.52 -4.93
CA TRP B 92 7.78 7.33 -5.76
C TRP B 92 6.98 6.22 -5.13
N ILE B 93 6.58 6.45 -3.90
CA ILE B 93 5.83 5.44 -3.21
C ILE B 93 4.38 5.90 -3.14
N VAL B 94 4.22 7.13 -2.65
CA VAL B 94 2.93 7.71 -2.45
C VAL B 94 2.74 9.12 -3.03
N GLY B 95 3.71 10.00 -2.83
CA GLY B 95 3.60 11.37 -3.32
C GLY B 95 3.08 11.62 -4.72
N MET B 96 3.76 11.05 -5.70
CA MET B 96 3.31 11.28 -7.03
C MET B 96 1.89 10.76 -7.17
N HIS B 97 1.55 9.69 -6.45
CA HIS B 97 0.21 9.05 -6.46
C HIS B 97 -0.89 9.97 -5.91
N GLN B 98 -0.52 10.84 -4.99
CA GLN B 98 -1.48 11.75 -4.40
C GLN B 98 -1.76 12.93 -5.33
N LYS B 99 -0.71 13.45 -5.98
CA LYS B 99 -0.90 14.54 -6.91
C LYS B 99 -1.79 14.06 -8.04
N ALA B 100 -1.56 12.83 -8.50
CA ALA B 100 -2.39 12.28 -9.55
C ALA B 100 -3.87 12.17 -9.16
N MET B 101 -4.21 11.63 -7.98
CA MET B 101 -5.61 11.50 -7.56
C MET B 101 -6.24 12.86 -7.31
N LYS B 102 -5.43 13.84 -6.98
CA LYS B 102 -5.96 15.14 -6.71
C LYS B 102 -6.39 15.79 -8.04
N GLU B 103 -5.74 15.35 -9.11
CA GLU B 103 -5.95 15.91 -10.40
C GLU B 103 -6.88 15.16 -11.35
N TYR B 104 -6.91 13.81 -11.24
CA TYR B 104 -7.74 12.95 -12.07
C TYR B 104 -8.56 11.95 -11.30
N GLY B 105 -8.93 12.30 -10.08
CA GLY B 105 -9.71 11.39 -9.27
C GLY B 105 -10.98 10.94 -9.93
N GLU B 106 -11.53 11.74 -10.83
CA GLU B 106 -12.76 11.40 -11.53
C GLU B 106 -12.44 10.29 -12.53
N LEU B 107 -11.61 10.60 -13.53
CA LEU B 107 -11.21 9.61 -14.51
C LEU B 107 -10.63 8.32 -13.86
N MET B 108 -10.15 8.43 -12.62
CA MET B 108 -9.60 7.28 -11.89
C MET B 108 -10.70 6.48 -11.21
N SER B 109 -11.84 6.37 -11.88
CA SER B 109 -12.96 5.63 -11.31
C SER B 109 -13.61 4.99 -12.51
N MET B 110 -13.23 5.47 -13.68
CA MET B 110 -13.76 4.94 -14.91
C MET B 110 -12.83 3.92 -15.58
N GLU B 111 -11.90 3.32 -14.81
CA GLU B 111 -10.94 2.33 -15.36
C GLU B 111 -10.54 1.23 -14.39
N GLU B 112 -10.11 0.07 -14.90
CA GLU B 112 -9.65 -0.98 -14.00
C GLU B 112 -8.19 -0.59 -13.72
N ILE B 113 -7.90 -0.27 -12.45
CA ILE B 113 -6.58 0.15 -12.00
C ILE B 113 -5.97 -0.93 -11.10
N VAL B 114 -4.66 -1.12 -11.21
CA VAL B 114 -4.06 -2.15 -10.40
C VAL B 114 -2.76 -1.62 -9.91
N ALA B 115 -2.54 -1.78 -8.61
CA ALA B 115 -1.29 -1.34 -7.98
C ALA B 115 -0.22 -2.43 -8.06
N GLU B 116 0.98 -2.05 -8.43
CA GLU B 116 2.09 -2.97 -8.52
C GLU B 116 3.15 -2.66 -7.46
N GLY B 117 3.51 -3.66 -6.66
CA GLY B 117 4.56 -3.44 -5.69
C GLY B 117 5.87 -3.62 -6.43
N TYR B 118 6.54 -2.52 -6.74
CA TYR B 118 7.79 -2.55 -7.47
C TYR B 118 9.00 -2.72 -6.65
N CYS B 119 9.83 -3.66 -7.03
CA CYS B 119 11.06 -3.85 -6.28
C CYS B 119 12.22 -3.86 -7.25
N ILE B 120 12.95 -2.74 -7.25
CA ILE B 120 14.11 -2.57 -8.14
C ILE B 120 15.38 -3.09 -7.51
N ALA B 121 15.82 -4.25 -8.00
CA ALA B 121 16.99 -4.95 -7.50
C ALA B 121 18.26 -4.78 -8.30
N ASN B 122 18.21 -4.11 -9.44
CA ASN B 122 19.41 -3.88 -10.22
C ASN B 122 19.82 -2.44 -9.96
N PRO B 123 20.90 -2.25 -9.19
CA PRO B 123 21.46 -0.96 -8.79
C PRO B 123 22.02 -0.01 -9.81
N ASP B 124 22.20 -0.47 -11.05
CA ASP B 124 22.80 0.40 -12.05
C ASP B 124 21.97 0.90 -13.26
N CYS B 125 20.67 0.66 -13.24
CA CYS B 125 19.80 1.06 -14.32
C CYS B 125 19.20 2.44 -14.13
N LYS B 126 18.61 2.94 -15.21
CA LYS B 126 17.99 4.25 -15.19
C LYS B 126 16.92 4.32 -14.10
N ALA B 127 16.08 3.30 -14.01
CA ALA B 127 15.00 3.29 -13.02
C ALA B 127 15.42 3.47 -11.57
N ALA B 128 16.52 2.82 -11.20
CA ALA B 128 17.03 2.89 -9.83
C ALA B 128 17.65 4.23 -9.46
N ALA B 129 18.04 5.00 -10.47
CA ALA B 129 18.66 6.29 -10.23
C ALA B 129 17.57 7.34 -9.99
N LEU B 130 16.55 7.30 -10.83
CA LEU B 130 15.42 8.19 -10.79
C LEU B 130 14.61 8.11 -9.49
N THR B 131 14.33 6.89 -9.03
CA THR B 131 13.55 6.68 -7.81
C THR B 131 14.35 6.70 -6.51
N GLU B 132 15.65 6.98 -6.63
CA GLU B 132 16.56 6.99 -5.49
C GLU B 132 16.30 5.71 -4.67
N ALA B 133 16.33 4.58 -5.35
CA ALA B 133 16.08 3.29 -4.72
C ALA B 133 17.30 2.62 -4.12
N ASP B 134 17.14 1.98 -2.96
CA ASP B 134 18.26 1.24 -2.39
C ASP B 134 18.15 -0.06 -3.18
N ALA B 135 18.59 0.01 -4.42
CA ALA B 135 18.47 -1.11 -5.34
C ALA B 135 19.48 -2.25 -5.21
N ASP B 136 20.39 -2.15 -4.25
CA ASP B 136 21.39 -3.18 -4.01
C ASP B 136 20.87 -4.04 -2.85
N LEU B 137 20.22 -5.14 -3.17
CA LEU B 137 19.62 -5.94 -2.10
C LEU B 137 20.07 -7.37 -1.90
N ASN B 138 19.94 -7.85 -0.67
CA ASN B 138 20.26 -9.24 -0.34
C ASN B 138 18.98 -10.02 -0.52
N MET B 139 19.12 -11.32 -0.71
CA MET B 139 17.97 -12.16 -0.90
C MET B 139 16.95 -11.88 0.22
N ASP B 140 17.45 -11.72 1.44
CA ASP B 140 16.54 -11.45 2.54
C ASP B 140 15.89 -10.04 2.49
N ASP B 141 16.51 -9.08 1.81
CA ASP B 141 15.90 -7.75 1.71
C ASP B 141 14.69 -7.86 0.82
N ILE B 142 14.93 -8.45 -0.36
CA ILE B 142 13.94 -8.66 -1.41
C ILE B 142 12.70 -9.41 -0.96
N VAL B 143 12.92 -10.45 -0.17
CA VAL B 143 11.87 -11.29 0.34
C VAL B 143 11.01 -10.50 1.34
N ALA B 144 11.63 -9.61 2.11
CA ALA B 144 10.92 -8.78 3.10
C ALA B 144 10.04 -7.77 2.33
N TYR B 145 10.57 -7.17 1.28
CA TYR B 145 9.75 -6.27 0.49
C TYR B 145 8.57 -7.05 -0.06
N ALA B 146 8.82 -8.28 -0.49
CA ALA B 146 7.79 -9.15 -1.02
C ALA B 146 6.71 -9.27 0.01
N ARG B 147 7.15 -9.51 1.23
CA ARG B 147 6.23 -9.64 2.33
C ARG B 147 5.38 -8.39 2.45
N VAL B 148 6.01 -7.22 2.44
CA VAL B 148 5.29 -6.00 2.61
C VAL B 148 4.19 -5.91 1.58
N SER B 149 4.59 -6.00 0.32
CA SER B 149 3.63 -5.96 -0.74
C SER B 149 2.44 -6.86 -0.42
N GLU B 150 2.70 -8.08 0.05
CA GLU B 150 1.66 -9.07 0.37
C GLU B 150 0.85 -8.68 1.61
N LEU B 151 1.42 -7.80 2.42
CA LEU B 151 0.73 -7.31 3.60
C LEU B 151 -0.18 -6.25 3.07
N LEU B 152 0.41 -5.21 2.51
CA LEU B 152 -0.37 -4.14 1.91
C LEU B 152 -1.39 -4.71 0.95
N GLN B 153 -1.23 -5.95 0.54
CA GLN B 153 -2.19 -6.55 -0.38
C GLN B 153 -2.22 -5.92 -1.76
N LEU B 154 -1.18 -6.19 -2.55
CA LEU B 154 -1.06 -5.66 -3.90
C LEU B 154 -1.27 -6.78 -4.92
N PRO B 155 -2.14 -6.55 -5.88
CA PRO B 155 -2.36 -7.60 -6.85
C PRO B 155 -1.07 -8.06 -7.46
N ILE B 156 -0.08 -7.18 -7.47
CA ILE B 156 1.20 -7.49 -8.10
C ILE B 156 2.47 -7.09 -7.38
N PHE B 157 3.46 -7.99 -7.39
CA PHE B 157 4.76 -7.70 -6.85
C PHE B 157 5.68 -7.88 -8.05
N TYR B 158 6.22 -6.78 -8.50
CA TYR B 158 7.06 -6.75 -9.66
C TYR B 158 8.51 -6.64 -9.20
N LEU B 159 9.27 -7.71 -9.39
CA LEU B 159 10.67 -7.79 -8.98
C LEU B 159 11.40 -7.31 -10.21
N GLU B 160 11.98 -6.13 -10.12
CA GLU B 160 12.60 -5.60 -11.32
C GLU B 160 14.12 -5.51 -11.42
N TYR B 161 14.70 -6.18 -12.41
CA TYR B 161 16.15 -6.16 -12.67
C TYR B 161 16.58 -5.54 -14.02
N SER B 162 15.72 -4.78 -14.70
CA SER B 162 16.11 -4.10 -15.94
C SER B 162 16.89 -4.88 -16.94
N GLY B 163 17.92 -4.23 -17.45
CA GLY B 163 18.75 -4.87 -18.44
C GLY B 163 19.56 -6.07 -17.99
N VAL B 164 19.45 -6.54 -16.75
CA VAL B 164 20.24 -7.70 -16.36
C VAL B 164 19.46 -8.86 -15.75
N LEU B 165 19.92 -10.09 -15.97
CA LEU B 165 19.28 -11.26 -15.39
C LEU B 165 19.41 -11.21 -13.87
N GLY B 166 18.30 -11.38 -13.17
CA GLY B 166 18.31 -11.35 -11.72
C GLY B 166 18.60 -12.70 -11.11
N ASP B 167 18.93 -12.74 -9.83
CA ASP B 167 19.25 -13.99 -9.14
C ASP B 167 18.05 -14.93 -9.08
N ILE B 168 18.18 -16.06 -9.75
CA ILE B 168 17.11 -17.04 -9.78
C ILE B 168 16.70 -17.47 -8.37
N GLU B 169 17.63 -17.43 -7.45
CA GLU B 169 17.30 -17.83 -6.09
C GLU B 169 16.38 -16.76 -5.46
N ALA B 170 16.74 -15.49 -5.63
CA ALA B 170 15.92 -14.42 -5.10
C ALA B 170 14.47 -14.58 -5.62
N VAL B 171 14.31 -14.93 -6.90
CA VAL B 171 12.98 -15.14 -7.49
C VAL B 171 12.24 -16.35 -6.87
N LYS B 172 12.96 -17.45 -6.65
CA LYS B 172 12.37 -18.69 -6.08
C LYS B 172 11.77 -18.49 -4.70
N LYS B 173 12.50 -17.77 -3.86
CA LYS B 173 12.05 -17.48 -2.50
C LYS B 173 10.88 -16.51 -2.48
N THR B 174 11.00 -15.39 -3.21
CA THR B 174 9.92 -14.41 -3.29
C THR B 174 8.62 -15.13 -3.52
N LYS B 175 8.63 -15.94 -4.56
CA LYS B 175 7.50 -16.74 -4.93
C LYS B 175 7.05 -17.56 -3.73
N ALA B 176 7.97 -18.13 -2.99
CA ALA B 176 7.60 -18.92 -1.83
C ALA B 176 6.78 -18.16 -0.78
N VAL B 177 7.08 -16.89 -0.53
CA VAL B 177 6.27 -16.14 0.46
C VAL B 177 4.98 -15.59 -0.12
N LEU B 178 4.95 -15.39 -1.42
CA LEU B 178 3.77 -14.81 -2.04
C LEU B 178 2.59 -15.72 -2.24
N GLU B 179 1.68 -15.70 -1.27
CA GLU B 179 0.46 -16.50 -1.33
C GLU B 179 -0.60 -15.85 -2.23
N THR B 180 -0.98 -14.62 -1.92
CA THR B 180 -2.02 -13.94 -2.73
C THR B 180 -1.57 -13.06 -3.92
N SER B 181 -0.45 -12.35 -3.81
CA SER B 181 0.05 -11.51 -4.90
C SER B 181 0.52 -12.38 -6.09
N THR B 182 0.60 -11.77 -7.28
CA THR B 182 1.02 -12.39 -8.50
C THR B 182 2.41 -11.83 -8.81
N LEU B 183 3.41 -12.69 -8.82
CA LEU B 183 4.76 -12.23 -9.04
C LEU B 183 5.13 -12.01 -10.49
N PHE B 184 5.59 -10.82 -10.81
CA PHE B 184 6.01 -10.54 -12.17
C PHE B 184 7.51 -10.49 -12.08
N TYR B 185 8.21 -10.99 -13.11
CA TYR B 185 9.66 -10.89 -13.08
C TYR B 185 10.08 -10.25 -14.35
N GLY B 186 10.91 -9.24 -14.25
CA GLY B 186 11.41 -8.59 -15.45
C GLY B 186 12.89 -8.51 -15.28
N GLY B 187 13.63 -8.60 -16.37
CA GLY B 187 15.08 -8.55 -16.24
C GLY B 187 15.89 -9.52 -17.07
N GLY B 188 16.47 -9.02 -18.13
CA GLY B 188 17.30 -9.82 -18.99
C GLY B 188 16.74 -10.97 -19.79
N ILE B 189 15.44 -11.19 -19.81
CA ILE B 189 14.94 -12.31 -20.62
C ILE B 189 14.96 -11.97 -22.12
N LYS B 190 15.94 -12.48 -22.81
CA LYS B 190 16.04 -12.14 -24.20
C LYS B 190 15.85 -13.34 -25.10
N ASP B 191 15.54 -14.50 -24.55
CA ASP B 191 15.35 -15.66 -25.42
C ASP B 191 14.63 -16.79 -24.70
N ALA B 192 14.33 -17.83 -25.48
CA ALA B 192 13.60 -18.99 -24.98
C ALA B 192 14.28 -19.70 -23.84
N GLU B 193 15.60 -19.76 -23.88
CA GLU B 193 16.31 -20.43 -22.80
C GLU B 193 16.02 -19.71 -21.47
N THR B 194 16.34 -18.42 -21.41
CA THR B 194 16.16 -17.62 -20.22
C THR B 194 14.72 -17.45 -19.80
N ALA B 195 13.80 -17.39 -20.75
CA ALA B 195 12.36 -17.28 -20.48
C ALA B 195 11.91 -18.47 -19.63
N LYS B 196 12.32 -19.67 -20.05
CA LYS B 196 11.99 -20.92 -19.36
C LYS B 196 12.49 -21.00 -17.92
N GLN B 197 13.74 -20.65 -17.74
CA GLN B 197 14.39 -20.66 -16.43
C GLN B 197 13.49 -19.84 -15.45
N TYR B 198 13.31 -18.55 -15.68
CA TYR B 198 12.48 -17.75 -14.79
C TYR B 198 10.99 -18.12 -14.73
N ALA B 199 10.39 -18.45 -15.86
CA ALA B 199 8.99 -18.80 -15.86
C ALA B 199 8.67 -19.86 -14.84
N GLU B 200 9.68 -20.66 -14.50
CA GLU B 200 9.49 -21.73 -13.55
C GLU B 200 9.24 -21.20 -12.14
N HIS B 201 9.75 -20.00 -11.87
CA HIS B 201 9.59 -19.42 -10.55
C HIS B 201 8.61 -18.27 -10.48
N ALA B 202 8.63 -17.38 -11.46
CA ALA B 202 7.70 -16.25 -11.50
C ALA B 202 6.37 -16.70 -12.07
N ASP B 203 5.28 -16.03 -11.70
CA ASP B 203 3.96 -16.32 -12.26
C ASP B 203 3.93 -15.71 -13.67
N VAL B 204 4.57 -14.56 -13.83
CA VAL B 204 4.60 -13.85 -15.10
C VAL B 204 6.01 -13.37 -15.35
N ILE B 205 6.46 -13.50 -16.59
CA ILE B 205 7.80 -13.03 -16.93
C ILE B 205 7.50 -11.89 -17.92
N VAL B 206 8.26 -10.81 -17.81
CA VAL B 206 8.09 -9.65 -18.65
C VAL B 206 9.26 -9.56 -19.61
N VAL B 207 9.03 -9.29 -20.87
CA VAL B 207 10.11 -9.18 -21.84
C VAL B 207 9.93 -7.81 -22.54
N GLY B 208 10.92 -6.91 -22.37
CA GLY B 208 10.89 -5.57 -22.95
C GLY B 208 11.99 -5.31 -23.95
N ASN B 209 13.10 -4.79 -23.44
CA ASN B 209 14.33 -4.48 -24.19
C ASN B 209 14.72 -5.37 -25.33
N ALA B 210 14.69 -6.67 -25.04
CA ALA B 210 15.04 -7.68 -26.01
C ALA B 210 14.31 -7.42 -27.32
N VAL B 211 13.06 -6.96 -27.22
CA VAL B 211 12.22 -6.71 -28.39
C VAL B 211 12.93 -5.78 -29.39
N TYR B 212 13.64 -4.79 -28.87
CA TYR B 212 14.39 -3.84 -29.68
C TYR B 212 15.73 -4.41 -30.15
N GLU B 213 16.44 -5.14 -29.26
CA GLU B 213 17.76 -5.78 -29.49
C GLU B 213 17.77 -6.85 -30.61
N ASP B 214 16.93 -7.86 -30.45
CA ASP B 214 16.82 -8.87 -31.46
C ASP B 214 15.44 -9.45 -31.39
N PHE B 215 14.55 -8.75 -32.09
CA PHE B 215 13.12 -9.05 -32.16
C PHE B 215 12.84 -10.52 -32.38
N ASP B 216 13.36 -11.03 -33.48
CA ASP B 216 13.21 -12.42 -33.87
C ASP B 216 13.40 -13.38 -32.70
N ARG B 217 14.36 -13.10 -31.84
CA ARG B 217 14.60 -14.03 -30.75
C ARG B 217 13.81 -13.77 -29.45
N ALA B 218 13.25 -12.58 -29.31
CA ALA B 218 12.47 -12.28 -28.11
C ALA B 218 11.09 -12.83 -28.38
N LEU B 219 10.78 -12.96 -29.67
CA LEU B 219 9.50 -13.48 -30.06
C LEU B 219 9.25 -14.90 -29.55
N LYS B 220 10.33 -15.65 -29.32
CA LYS B 220 10.29 -17.01 -28.86
C LYS B 220 10.06 -17.14 -27.39
N THR B 221 10.16 -16.05 -26.64
CA THR B 221 9.88 -16.13 -25.21
C THR B 221 8.43 -16.61 -25.01
N VAL B 222 7.48 -16.14 -25.82
CA VAL B 222 6.07 -16.56 -25.69
C VAL B 222 5.87 -18.10 -25.78
N ALA B 223 6.25 -18.67 -26.92
CA ALA B 223 6.13 -20.12 -27.16
C ALA B 223 6.93 -20.88 -26.10
N ALA B 224 8.10 -20.34 -25.77
CA ALA B 224 8.93 -20.91 -24.73
C ALA B 224 8.18 -21.06 -23.42
N VAL B 225 7.22 -20.20 -23.05
CA VAL B 225 6.55 -20.46 -21.76
C VAL B 225 5.11 -20.93 -21.85
N LYS B 226 4.54 -20.95 -23.05
CA LYS B 226 3.15 -21.38 -23.26
C LYS B 226 3.03 -22.43 -24.38
N GLY B 227 4.11 -22.67 -25.10
CA GLY B 227 4.06 -23.63 -26.20
C GLY B 227 3.40 -24.96 -25.89
#